data_2DUQ
#
_entry.id   2DUQ
#
_cell.length_a   171.200
_cell.length_b   45.000
_cell.length_c   117.000
_cell.angle_alpha   90.00
_cell.angle_beta   131.90
_cell.angle_gamma   90.00
#
_symmetry.space_group_name_H-M   'C 1 2 1'
#
loop_
_entity.id
_entity.type
_entity.pdbx_description
1 polymer 'Vesicular integral-membrane protein VIP36'
2 non-polymer alpha-D-mannopyranose
3 non-polymer 'CALCIUM ION'
4 non-polymer 'CHLORIDE ION'
5 water water
#
_entity_poly.entity_id   1
_entity_poly.type   'polypeptide(L)'
_entity_poly.pdbx_seq_one_letter_code
;GSSEHLKREHSLIKPYQGVGSSSMPLWDFQGSTILTSQYVRLTPDERSKEGSIWNHQPCFLKDWEMHVHFKVHGTGKKNL
HGDGIALWYTRDRLVPGPVFGSKDNFHGLAIFLDTYPNDETTERVFPYISVMVNNGSLSYDHSKDGRWTELAGCTADFRN
RDHDTFLAVRYSRGRLTVMTDLEDKNEWKNCIDITGVRLPTGYYFGASAGTGDLSDNHDIISMKLFQLMVEHTPDEENID
WTKIEPSVNFLKS
;
_entity_poly.pdbx_strand_id   A,B
#
loop_
_chem_comp.id
_chem_comp.type
_chem_comp.name
_chem_comp.formula
CA non-polymer 'CALCIUM ION' 'Ca 2'
CL non-polymer 'CHLORIDE ION' 'Cl -1'
MAN D-saccharide, alpha linking alpha-D-mannopyranose 'C6 H12 O6'
#
# COMPACT_ATOMS: atom_id res chain seq x y z
N HIS A 5 -2.75 -7.17 27.58
CA HIS A 5 -2.92 -8.20 26.53
C HIS A 5 -3.04 -7.59 25.13
N LEU A 6 -2.67 -6.33 25.00
CA LEU A 6 -2.46 -5.74 23.67
C LEU A 6 -1.46 -6.55 22.85
N LYS A 7 -1.82 -6.86 21.61
CA LYS A 7 -0.88 -7.48 20.69
C LYS A 7 -0.38 -6.38 19.75
N ARG A 8 0.78 -5.83 20.05
CA ARG A 8 1.23 -4.60 19.36
C ARG A 8 1.42 -4.78 17.85
N GLU A 9 1.82 -5.98 17.47
CA GLU A 9 2.16 -6.32 16.09
C GLU A 9 0.93 -6.41 15.18
N HIS A 10 -0.24 -6.44 15.81
CA HIS A 10 -1.53 -6.44 15.07
C HIS A 10 -2.29 -5.16 15.36
N SER A 11 -1.55 -4.13 15.77
CA SER A 11 -2.15 -2.88 16.10
C SER A 11 -1.53 -1.75 15.28
N LEU A 12 -2.30 -0.67 15.13
CA LEU A 12 -1.87 0.62 14.56
C LEU A 12 -2.07 1.69 15.63
N ILE A 13 -0.95 2.21 16.16
CA ILE A 13 -1.02 3.12 17.30
C ILE A 13 -0.06 4.29 17.10
N LYS A 14 -0.50 5.50 17.42
CA LYS A 14 0.35 6.70 17.31
C LYS A 14 1.42 6.70 18.41
N PRO A 15 2.67 7.05 18.05
CA PRO A 15 3.14 7.40 16.71
C PRO A 15 3.35 6.16 15.84
N TYR A 16 2.78 6.18 14.64
CA TYR A 16 2.74 4.98 13.78
C TYR A 16 4.14 4.43 13.57
N GLN A 17 4.29 3.12 13.79
CA GLN A 17 5.60 2.49 13.74
C GLN A 17 6.21 2.52 12.33
N GLY A 18 7.41 3.08 12.24
CA GLY A 18 8.13 3.17 10.98
C GLY A 18 7.85 4.43 10.20
N VAL A 19 6.93 5.25 10.70
CA VAL A 19 6.55 6.49 10.03
C VAL A 19 7.43 7.62 10.56
N GLY A 20 8.37 8.05 9.72
CA GLY A 20 9.35 9.06 10.10
C GLY A 20 10.51 8.46 10.87
N SER A 21 10.70 7.15 10.73
CA SER A 21 11.81 6.44 11.37
C SER A 21 12.22 5.22 10.56
N SER A 22 13.33 4.61 10.96
CA SER A 22 13.87 3.42 10.32
C SER A 22 13.26 2.10 10.85
N SER A 23 12.31 2.18 11.77
CA SER A 23 11.70 0.98 12.38
C SER A 23 10.81 0.22 11.40
N MET A 24 10.60 -1.08 11.67
CA MET A 24 9.77 -1.97 10.86
C MET A 24 8.31 -1.51 10.86
N PRO A 25 7.75 -1.18 9.67
CA PRO A 25 6.32 -0.83 9.72
C PRO A 25 5.49 -2.09 9.94
N LEU A 26 4.32 -1.95 10.52
CA LEU A 26 3.48 -3.10 10.81
C LEU A 26 2.31 -3.24 9.83
N TRP A 27 2.19 -2.25 8.95
CA TRP A 27 1.07 -2.19 8.01
C TRP A 27 1.58 -1.88 6.62
N ASP A 28 0.90 -2.41 5.60
CA ASP A 28 1.09 -2.00 4.18
C ASP A 28 -0.06 -1.09 3.81
N PHE A 29 0.25 -0.05 3.05
CA PHE A 29 -0.73 1.00 2.70
C PHE A 29 -0.95 0.89 1.20
N GLN A 30 -2.21 0.82 0.76
CA GLN A 30 -2.50 0.45 -0.62
C GLN A 30 -3.56 1.38 -1.20
N GLY A 31 -3.53 1.55 -2.52
CA GLY A 31 -4.56 2.35 -3.19
C GLY A 31 -4.53 3.81 -2.78
N SER A 32 -5.71 4.43 -2.70
CA SER A 32 -5.81 5.87 -2.46
C SER A 32 -5.34 6.31 -1.07
N THR A 33 -4.93 5.36 -0.23
CA THR A 33 -4.60 5.67 1.18
C THR A 33 -3.55 6.79 1.27
N ILE A 34 -3.82 7.75 2.17
CA ILE A 34 -2.92 8.87 2.54
C ILE A 34 -2.48 8.65 3.99
N LEU A 35 -1.17 8.61 4.18
CA LEU A 35 -0.61 8.38 5.50
C LEU A 35 -0.08 9.70 6.06
N THR A 36 -0.63 10.10 7.20
CA THR A 36 -0.15 11.29 7.92
C THR A 36 0.18 10.86 9.36
N SER A 37 0.82 11.73 10.12
CA SER A 37 1.13 11.39 11.52
C SER A 37 -0.12 11.29 12.41
N GLN A 38 -1.24 11.91 12.01
N GLN A 38 -1.22 11.90 11.94
CA GLN A 38 -2.39 11.85 12.90
CA GLN A 38 -2.44 12.08 12.73
C GLN A 38 -3.60 11.05 12.42
C GLN A 38 -3.60 11.14 12.37
N TYR A 39 -3.49 10.45 11.24
CA TYR A 39 -4.55 9.55 10.74
C TYR A 39 -4.04 8.83 9.51
N VAL A 40 -4.63 7.67 9.25
CA VAL A 40 -4.47 6.96 7.97
C VAL A 40 -5.76 7.23 7.21
N ARG A 41 -5.66 7.94 6.10
CA ARG A 41 -6.85 8.38 5.34
C ARG A 41 -7.07 7.43 4.17
N LEU A 42 -7.95 6.45 4.35
CA LEU A 42 -8.14 5.42 3.34
C LEU A 42 -8.58 6.03 2.02
N THR A 43 -9.54 6.94 2.08
CA THR A 43 -9.83 7.80 0.93
C THR A 43 -9.94 9.27 1.35
N PRO A 44 -9.46 10.19 0.49
CA PRO A 44 -9.82 11.58 0.71
C PRO A 44 -11.27 11.79 0.28
N ASP A 45 -11.77 13.01 0.48
CA ASP A 45 -13.13 13.38 0.12
C ASP A 45 -13.19 13.67 -1.38
N GLU A 46 -12.83 12.65 -2.15
CA GLU A 46 -12.77 12.72 -3.61
C GLU A 46 -13.41 11.49 -4.21
N ARG A 47 -13.86 11.63 -5.46
CA ARG A 47 -14.68 10.59 -6.09
C ARG A 47 -13.82 9.44 -6.60
N SER A 48 -14.41 8.26 -6.69
CA SER A 48 -13.86 7.11 -7.40
C SER A 48 -12.50 6.71 -6.85
N LYS A 49 -12.43 6.54 -5.53
CA LYS A 49 -11.22 6.10 -4.82
C LYS A 49 -11.44 4.74 -4.13
N GLU A 50 -10.36 3.95 -4.04
CA GLU A 50 -10.34 2.69 -3.31
CA GLU A 50 -10.33 2.69 -3.29
C GLU A 50 -8.99 2.66 -2.56
N GLY A 51 -9.04 2.59 -1.24
CA GLY A 51 -7.81 2.54 -0.46
C GLY A 51 -7.92 1.54 0.67
N SER A 52 -6.78 0.99 1.07
CA SER A 52 -6.78 0.06 2.17
C SER A 52 -5.52 0.17 3.02
N ILE A 53 -5.58 -0.50 4.17
CA ILE A 53 -4.39 -0.71 4.99
C ILE A 53 -4.46 -2.17 5.45
N TRP A 54 -3.33 -2.90 5.40
CA TRP A 54 -3.34 -4.31 5.74
C TRP A 54 -2.20 -4.64 6.68
N ASN A 55 -2.49 -5.41 7.73
CA ASN A 55 -1.47 -5.83 8.71
C ASN A 55 -0.42 -6.64 7.99
N HIS A 56 0.86 -6.33 8.25
CA HIS A 56 1.90 -6.86 7.41
C HIS A 56 2.09 -8.36 7.59
N GLN A 57 1.52 -8.91 8.67
CA GLN A 57 1.60 -10.35 9.00
C GLN A 57 0.22 -10.89 9.42
N PRO A 58 0.00 -12.23 9.28
CA PRO A 58 -1.29 -12.83 9.67
C PRO A 58 -1.42 -12.99 11.18
N CYS A 59 -2.67 -13.13 11.64
CA CYS A 59 -2.98 -13.27 13.06
C CYS A 59 -3.38 -14.71 13.39
N PHE A 60 -2.68 -15.28 14.36
CA PHE A 60 -2.92 -16.67 14.78
C PHE A 60 -3.61 -16.78 16.16
N LEU A 61 -4.12 -15.68 16.68
CA LEU A 61 -4.95 -15.72 17.91
C LEU A 61 -6.33 -16.37 17.66
N LYS A 62 -6.74 -17.26 18.56
CA LYS A 62 -8.07 -17.87 18.47
C LYS A 62 -9.16 -16.94 19.01
N ASP A 63 -8.81 -16.13 20.00
CA ASP A 63 -9.76 -15.31 20.73
C ASP A 63 -9.21 -13.90 20.80
N TRP A 64 -9.94 -12.96 20.21
CA TRP A 64 -9.44 -11.61 20.10
C TRP A 64 -10.53 -10.56 20.08
N GLU A 65 -10.11 -9.31 20.28
CA GLU A 65 -11.01 -8.17 20.28
C GLU A 65 -10.24 -6.99 19.69
N MET A 66 -10.74 -6.50 18.56
CA MET A 66 -10.16 -5.37 17.86
C MET A 66 -10.93 -4.12 18.19
N HIS A 67 -10.23 -3.07 18.62
CA HIS A 67 -10.85 -1.78 18.82
C HIS A 67 -10.32 -0.88 17.72
N VAL A 68 -11.24 -0.20 17.04
CA VAL A 68 -10.90 0.66 15.91
C VAL A 68 -11.36 2.08 16.22
N HIS A 69 -10.41 3.02 16.23
CA HIS A 69 -10.76 4.42 16.32
C HIS A 69 -10.71 4.94 14.86
N PHE A 70 -11.87 5.38 14.37
CA PHE A 70 -12.06 5.74 12.94
C PHE A 70 -12.74 7.09 12.92
N LYS A 71 -12.66 7.79 11.79
CA LYS A 71 -13.43 9.00 11.58
C LYS A 71 -13.89 9.08 10.13
N VAL A 72 -15.20 9.14 9.94
CA VAL A 72 -15.77 9.35 8.63
C VAL A 72 -16.39 10.73 8.65
N HIS A 73 -15.95 11.58 7.74
CA HIS A 73 -16.35 12.99 7.79
C HIS A 73 -16.19 13.60 6.41
N GLY A 74 -17.11 14.47 6.04
CA GLY A 74 -16.95 15.13 4.75
C GLY A 74 -17.82 16.35 4.57
N THR A 75 -17.66 17.00 3.42
CA THR A 75 -18.38 18.23 3.12
C THR A 75 -19.55 18.04 2.16
N GLY A 76 -19.87 16.78 1.83
CA GLY A 76 -21.07 16.48 1.04
C GLY A 76 -22.33 17.01 1.69
N LYS A 77 -23.13 17.75 0.94
CA LYS A 77 -24.39 18.31 1.47
C LYS A 77 -25.53 17.29 1.52
N LYS A 78 -26.42 17.44 2.50
CA LYS A 78 -27.55 16.53 2.68
C LYS A 78 -27.13 15.05 2.74
N ASN A 79 -27.68 14.19 1.88
CA ASN A 79 -27.34 12.76 1.87
C ASN A 79 -26.23 12.38 0.88
N LEU A 80 -25.56 13.37 0.30
CA LEU A 80 -24.65 13.13 -0.82
C LEU A 80 -23.22 12.84 -0.34
N HIS A 81 -23.08 11.65 0.26
CA HIS A 81 -21.80 11.15 0.76
C HIS A 81 -21.74 9.63 0.60
N GLY A 82 -20.54 9.08 0.55
CA GLY A 82 -20.37 7.63 0.44
C GLY A 82 -18.88 7.27 0.36
N ASP A 83 -18.53 6.00 0.37
CA ASP A 83 -19.50 4.89 0.45
C ASP A 83 -19.43 4.15 1.79
N GLY A 84 -18.27 4.27 2.45
CA GLY A 84 -18.10 3.70 3.77
C GLY A 84 -16.79 2.95 3.93
N ILE A 85 -16.67 2.24 5.06
CA ILE A 85 -15.45 1.52 5.45
C ILE A 85 -15.80 0.05 5.65
N ALA A 86 -14.88 -0.85 5.27
CA ALA A 86 -14.96 -2.26 5.64
C ALA A 86 -13.75 -2.60 6.51
N LEU A 87 -14.00 -3.34 7.60
CA LEU A 87 -12.93 -3.98 8.39
C LEU A 87 -12.90 -5.47 8.02
N TRP A 88 -11.70 -6.04 7.94
CA TRP A 88 -11.51 -7.36 7.37
C TRP A 88 -10.69 -8.25 8.28
N TYR A 89 -11.06 -9.52 8.31
CA TYR A 89 -10.21 -10.59 8.83
C TYR A 89 -10.29 -11.67 7.75
N THR A 90 -9.35 -11.64 6.80
CA THR A 90 -9.47 -12.44 5.58
C THR A 90 -8.22 -13.17 5.15
N ARG A 91 -8.42 -14.23 4.35
CA ARG A 91 -7.33 -15.04 3.82
C ARG A 91 -6.36 -14.19 3.00
N ASP A 92 -6.92 -13.38 2.10
CA ASP A 92 -6.09 -12.54 1.22
C ASP A 92 -6.06 -11.10 1.70
N ARG A 93 -5.16 -10.29 1.12
CA ARG A 93 -4.96 -8.93 1.59
C ARG A 93 -4.52 -8.12 0.36
N LEU A 94 -4.66 -6.79 0.44
CA LEU A 94 -4.03 -5.85 -0.52
C LEU A 94 -4.71 -5.73 -1.91
N VAL A 95 -5.72 -6.55 -2.16
CA VAL A 95 -6.42 -6.53 -3.47
C VAL A 95 -7.59 -5.54 -3.40
N PRO A 96 -7.56 -4.50 -4.25
CA PRO A 96 -8.64 -3.54 -4.27
C PRO A 96 -9.84 -4.12 -5.01
N GLY A 97 -10.99 -3.49 -4.89
CA GLY A 97 -12.18 -4.06 -5.44
C GLY A 97 -13.40 -3.23 -5.09
N PRO A 98 -14.57 -3.78 -5.39
CA PRO A 98 -15.83 -3.05 -5.26
C PRO A 98 -16.42 -3.08 -3.85
N VAL A 99 -15.82 -3.87 -2.95
CA VAL A 99 -16.40 -4.00 -1.60
C VAL A 99 -15.69 -3.05 -0.63
N PHE A 100 -16.23 -1.84 -0.57
CA PHE A 100 -15.64 -0.72 0.17
C PHE A 100 -14.16 -0.61 -0.06
N GLY A 101 -13.78 -0.66 -1.32
CA GLY A 101 -12.38 -0.55 -1.72
C GLY A 101 -11.58 -1.82 -1.86
N SER A 102 -12.11 -2.95 -1.38
CA SER A 102 -11.41 -4.23 -1.39
C SER A 102 -12.12 -5.34 -2.22
N LYS A 103 -11.41 -6.44 -2.44
CA LYS A 103 -11.90 -7.52 -3.32
C LYS A 103 -13.21 -8.17 -2.82
N ASP A 104 -14.01 -8.56 -3.79
CA ASP A 104 -15.21 -9.37 -3.60
C ASP A 104 -14.81 -10.83 -3.52
N ASN A 105 -15.78 -11.70 -3.22
CA ASN A 105 -15.54 -13.15 -3.17
C ASN A 105 -14.33 -13.46 -2.29
N PHE A 106 -14.30 -12.76 -1.16
CA PHE A 106 -13.26 -12.90 -0.12
C PHE A 106 -13.49 -14.13 0.75
N HIS A 107 -12.45 -14.53 1.48
CA HIS A 107 -12.54 -15.66 2.42
C HIS A 107 -12.37 -15.09 3.85
N GLY A 108 -13.40 -15.24 4.69
CA GLY A 108 -13.31 -14.81 6.09
C GLY A 108 -14.40 -13.84 6.44
N LEU A 109 -14.07 -12.87 7.30
CA LEU A 109 -15.02 -11.97 7.95
C LEU A 109 -14.93 -10.53 7.46
N ALA A 110 -16.08 -9.91 7.21
CA ALA A 110 -16.16 -8.48 6.91
C ALA A 110 -17.11 -7.79 7.86
N ILE A 111 -16.71 -6.58 8.27
CA ILE A 111 -17.57 -5.72 9.09
C ILE A 111 -17.72 -4.44 8.27
N PHE A 112 -18.93 -4.17 7.80
CA PHE A 112 -19.17 -3.07 6.88
C PHE A 112 -19.80 -1.90 7.61
N LEU A 113 -19.24 -0.70 7.37
CA LEU A 113 -19.76 0.54 7.91
C LEU A 113 -20.23 1.30 6.67
N ASP A 114 -21.47 1.04 6.29
CA ASP A 114 -22.02 1.51 5.02
C ASP A 114 -22.75 2.84 5.21
N THR A 115 -22.34 3.88 4.49
CA THR A 115 -22.90 5.22 4.72
C THR A 115 -23.85 5.70 3.62
N TYR A 116 -24.01 4.91 2.56
CA TYR A 116 -24.88 5.30 1.45
C TYR A 116 -25.89 4.19 1.11
N PRO A 117 -27.21 4.49 1.16
CA PRO A 117 -28.19 3.47 0.77
C PRO A 117 -28.28 3.32 -0.74
N ASN A 118 -27.55 2.36 -1.29
CA ASN A 118 -27.66 2.04 -2.71
C ASN A 118 -29.01 1.43 -3.06
N ASP A 119 -29.63 0.80 -2.07
CA ASP A 119 -30.84 0.03 -2.32
C ASP A 119 -31.99 1.01 -2.28
N GLU A 120 -32.61 1.21 -3.42
CA GLU A 120 -33.75 2.11 -3.58
C GLU A 120 -34.97 1.66 -2.77
N THR A 121 -35.02 0.37 -2.41
CA THR A 121 -36.13 -0.15 -1.60
C THR A 121 -35.68 -0.61 -0.21
N THR A 122 -34.61 0.00 0.29
CA THR A 122 -34.10 -0.33 1.61
C THR A 122 -35.10 -0.03 2.75
N GLU A 123 -35.00 -0.87 3.79
CA GLU A 123 -35.77 -0.75 5.02
C GLU A 123 -34.94 -0.11 6.13
N ARG A 124 -33.62 -0.04 5.92
CA ARG A 124 -32.71 0.43 6.95
C ARG A 124 -32.57 1.95 6.99
N VAL A 125 -32.25 2.41 8.19
CA VAL A 125 -31.76 3.75 8.43
C VAL A 125 -30.23 3.68 8.35
N PHE A 126 -29.66 4.61 7.57
CA PHE A 126 -28.20 4.69 7.39
C PHE A 126 -27.53 5.78 8.24
N PRO A 127 -26.21 5.65 8.50
CA PRO A 127 -25.35 4.51 8.15
C PRO A 127 -25.76 3.23 8.86
N TYR A 128 -25.34 2.12 8.28
CA TYR A 128 -25.75 0.82 8.74
C TYR A 128 -24.51 -0.06 8.82
N ILE A 129 -24.32 -0.66 9.98
CA ILE A 129 -23.20 -1.56 10.23
C ILE A 129 -23.68 -3.01 10.14
N SER A 130 -23.00 -3.81 9.32
CA SER A 130 -23.37 -5.21 9.20
C SER A 130 -22.15 -6.11 9.11
N VAL A 131 -22.39 -7.40 9.21
CA VAL A 131 -21.32 -8.39 9.11
C VAL A 131 -21.65 -9.40 8.01
N MET A 132 -20.59 -9.96 7.42
CA MET A 132 -20.70 -10.96 6.39
C MET A 132 -19.56 -11.95 6.57
N VAL A 133 -19.86 -13.23 6.41
CA VAL A 133 -18.87 -14.31 6.43
C VAL A 133 -18.91 -14.97 5.05
N ASN A 134 -17.73 -15.22 4.48
CA ASN A 134 -17.62 -15.66 3.12
C ASN A 134 -16.56 -16.77 2.99
N ASN A 135 -16.91 -17.83 2.23
CA ASN A 135 -16.06 -18.96 1.85
CA ASN A 135 -15.89 -18.85 1.91
C ASN A 135 -15.49 -18.79 0.43
N GLY A 136 -15.56 -17.58 -0.12
CA GLY A 136 -15.14 -17.29 -1.50
C GLY A 136 -16.26 -17.28 -2.56
N SER A 137 -17.37 -17.94 -2.28
CA SER A 137 -18.49 -18.12 -3.23
CA SER A 137 -18.45 -18.10 -3.26
C SER A 137 -19.43 -16.93 -3.32
N LEU A 138 -19.54 -16.16 -2.23
CA LEU A 138 -20.49 -15.05 -2.19
C LEU A 138 -19.98 -13.76 -2.80
N SER A 139 -20.85 -13.08 -3.52
CA SER A 139 -20.52 -11.75 -4.00
C SER A 139 -21.37 -10.73 -3.20
N TYR A 140 -20.70 -9.72 -2.65
CA TYR A 140 -21.40 -8.65 -1.95
C TYR A 140 -22.17 -7.83 -3.00
N ASP A 141 -23.49 -7.79 -2.89
CA ASP A 141 -24.26 -7.02 -3.85
C ASP A 141 -24.29 -5.56 -3.42
N HIS A 142 -23.29 -4.81 -3.90
CA HIS A 142 -23.13 -3.42 -3.52
C HIS A 142 -24.37 -2.57 -3.85
N SER A 143 -24.99 -2.84 -5.00
CA SER A 143 -26.18 -2.08 -5.43
C SER A 143 -27.35 -2.21 -4.48
N LYS A 144 -27.33 -3.28 -3.67
CA LYS A 144 -28.36 -3.58 -2.70
C LYS A 144 -27.84 -3.55 -1.25
N ASP A 145 -26.72 -2.86 -1.01
CA ASP A 145 -26.13 -2.73 0.33
C ASP A 145 -25.94 -4.09 1.03
N GLY A 146 -25.66 -5.13 0.25
CA GLY A 146 -25.32 -6.45 0.79
C GLY A 146 -26.50 -7.19 1.39
N ARG A 147 -27.69 -6.80 0.95
CA ARG A 147 -28.94 -7.33 1.46
C ARG A 147 -29.03 -8.86 1.55
N TRP A 148 -28.51 -9.57 0.55
CA TRP A 148 -28.71 -11.04 0.43
C TRP A 148 -27.75 -11.86 1.30
N THR A 149 -26.70 -11.22 1.77
CA THR A 149 -25.66 -11.93 2.49
C THR A 149 -25.42 -11.37 3.91
N GLU A 150 -26.19 -10.36 4.31
CA GLU A 150 -26.04 -9.80 5.68
C GLU A 150 -26.42 -10.84 6.74
N LEU A 151 -25.54 -11.04 7.71
CA LEU A 151 -25.85 -11.95 8.83
C LEU A 151 -26.60 -11.25 9.96
N ALA A 152 -26.24 -9.99 10.23
CA ALA A 152 -26.81 -9.19 11.31
C ALA A 152 -26.30 -7.78 11.11
N GLY A 153 -26.97 -6.81 11.75
CA GLY A 153 -26.54 -5.42 11.57
C GLY A 153 -27.28 -4.50 12.53
N CYS A 154 -26.93 -3.21 12.50
CA CYS A 154 -27.58 -2.20 13.30
C CYS A 154 -27.35 -0.85 12.63
N THR A 155 -28.29 0.07 12.79
CA THR A 155 -28.09 1.44 12.31
C THR A 155 -27.08 2.09 13.27
N ALA A 156 -26.28 3.03 12.78
CA ALA A 156 -25.26 3.65 13.61
C ALA A 156 -24.92 5.04 13.09
N ASP A 157 -25.08 6.05 13.94
CA ASP A 157 -24.81 7.45 13.57
C ASP A 157 -23.34 7.81 13.83
N PHE A 158 -22.47 7.56 12.85
CA PHE A 158 -21.04 7.77 13.09
C PHE A 158 -20.36 8.87 12.28
N ARG A 159 -21.07 9.47 11.34
CA ARG A 159 -20.46 10.50 10.51
C ARG A 159 -20.47 11.86 11.18
N ASN A 160 -19.44 12.64 10.90
CA ASN A 160 -19.40 14.05 11.25
C ASN A 160 -19.72 14.33 12.72
N ARG A 161 -19.18 13.50 13.63
CA ARG A 161 -19.44 13.68 15.07
C ARG A 161 -18.39 14.61 15.68
N ASP A 162 -18.72 15.27 16.79
CA ASP A 162 -17.85 16.30 17.36
C ASP A 162 -16.90 15.72 18.39
N HIS A 163 -16.91 14.39 18.48
CA HIS A 163 -16.13 13.64 19.46
C HIS A 163 -15.72 12.36 18.77
N ASP A 164 -14.84 11.62 19.44
CA ASP A 164 -14.24 10.43 18.87
C ASP A 164 -15.26 9.29 18.74
N THR A 165 -15.12 8.52 17.65
CA THR A 165 -16.00 7.38 17.38
C THR A 165 -15.18 6.09 17.29
N PHE A 166 -15.68 5.03 17.94
CA PHE A 166 -14.96 3.77 18.00
C PHE A 166 -15.90 2.58 17.68
N LEU A 167 -15.28 1.50 17.22
CA LEU A 167 -15.95 0.22 16.97
C LEU A 167 -15.14 -0.88 17.62
N ALA A 168 -15.81 -1.84 18.23
CA ALA A 168 -15.16 -3.03 18.77
C ALA A 168 -15.73 -4.27 18.09
N VAL A 169 -14.85 -5.22 17.77
CA VAL A 169 -15.23 -6.48 17.14
C VAL A 169 -14.55 -7.55 17.95
N ARG A 170 -15.35 -8.39 18.61
CA ARG A 170 -14.84 -9.45 19.45
C ARG A 170 -15.18 -10.80 18.81
N TYR A 171 -14.17 -11.67 18.78
CA TYR A 171 -14.39 -13.02 18.28
C TYR A 171 -13.79 -14.07 19.20
N SER A 172 -14.65 -14.93 19.74
CA SER A 172 -14.15 -15.99 20.62
C SER A 172 -15.16 -17.11 20.68
N ARG A 173 -14.67 -18.34 20.49
CA ARG A 173 -15.50 -19.55 20.64
C ARG A 173 -16.78 -19.45 19.82
N GLY A 174 -16.63 -18.97 18.58
CA GLY A 174 -17.75 -18.93 17.64
C GLY A 174 -18.70 -17.76 17.79
N ARG A 175 -18.48 -16.95 18.83
CA ARG A 175 -19.27 -15.77 19.11
C ARG A 175 -18.60 -14.52 18.52
N LEU A 176 -19.38 -13.83 17.69
CA LEU A 176 -18.96 -12.57 17.07
C LEU A 176 -19.81 -11.46 17.61
N THR A 177 -19.16 -10.45 18.21
CA THR A 177 -19.86 -9.33 18.81
C THR A 177 -19.26 -8.04 18.26
N VAL A 178 -20.14 -7.18 17.75
CA VAL A 178 -19.74 -5.86 17.30
C VAL A 178 -20.42 -4.82 18.21
N MET A 179 -19.61 -3.92 18.78
CA MET A 179 -20.09 -2.87 19.67
CA MET A 179 -20.11 -2.87 19.64
C MET A 179 -19.64 -1.50 19.15
N THR A 180 -20.38 -0.46 19.50
CA THR A 180 -20.04 0.89 19.07
C THR A 180 -19.83 1.82 20.27
N ASP A 181 -19.01 2.84 20.09
CA ASP A 181 -18.89 3.93 21.05
C ASP A 181 -18.95 5.20 20.19
N LEU A 182 -20.15 5.73 19.98
CA LEU A 182 -20.35 6.85 19.05
C LEU A 182 -20.95 8.09 19.69
N GLU A 183 -21.40 7.94 20.92
CA GLU A 183 -22.24 8.96 21.54
C GLU A 183 -21.51 9.67 22.67
N ASP A 184 -20.19 9.46 22.75
CA ASP A 184 -19.31 10.11 23.71
C ASP A 184 -19.62 9.70 25.16
N LYS A 185 -19.84 8.40 25.37
CA LYS A 185 -20.28 7.89 26.68
C LYS A 185 -19.26 6.95 27.30
N ASN A 186 -18.12 6.80 26.62
CA ASN A 186 -17.06 5.93 27.08
C ASN A 186 -17.60 4.52 27.42
N GLU A 187 -18.49 4.04 26.57
CA GLU A 187 -19.02 2.68 26.73
C GLU A 187 -19.29 2.00 25.39
N TRP A 188 -19.24 0.67 25.43
CA TRP A 188 -19.52 -0.20 24.28
C TRP A 188 -20.99 -0.56 24.27
N LYS A 189 -21.73 0.02 23.32
CA LYS A 189 -23.13 -0.33 23.07
C LYS A 189 -23.27 -1.48 22.05
N ASN A 190 -24.10 -2.49 22.35
CA ASN A 190 -24.14 -3.64 21.44
C ASN A 190 -24.74 -3.29 20.09
N CYS A 191 -24.14 -3.82 19.04
CA CYS A 191 -24.68 -3.64 17.70
C CYS A 191 -25.12 -5.00 17.15
N ILE A 192 -24.21 -5.96 17.21
CA ILE A 192 -24.41 -7.30 16.67
C ILE A 192 -23.88 -8.30 17.69
N ASP A 193 -24.60 -9.39 17.92
CA ASP A 193 -24.10 -10.43 18.81
C ASP A 193 -24.65 -11.75 18.27
N ILE A 194 -23.80 -12.51 17.57
CA ILE A 194 -24.24 -13.75 16.92
C ILE A 194 -23.30 -14.89 17.28
N THR A 195 -23.81 -16.11 17.21
CA THR A 195 -22.98 -17.27 17.49
C THR A 195 -22.94 -18.23 16.28
N GLY A 196 -22.12 -19.26 16.37
CA GLY A 196 -21.99 -20.24 15.29
C GLY A 196 -21.11 -19.76 14.15
N VAL A 197 -20.31 -18.71 14.40
CA VAL A 197 -19.39 -18.18 13.38
C VAL A 197 -18.07 -18.94 13.44
N ARG A 198 -17.71 -19.59 12.33
CA ARG A 198 -16.48 -20.39 12.23
C ARG A 198 -15.47 -19.68 11.33
N LEU A 199 -14.31 -19.36 11.92
CA LEU A 199 -13.20 -18.70 11.21
C LEU A 199 -11.88 -19.37 11.59
N PRO A 200 -10.98 -19.57 10.61
CA PRO A 200 -9.66 -20.09 10.93
C PRO A 200 -8.75 -19.04 11.55
N THR A 201 -7.65 -19.51 12.14
CA THR A 201 -6.53 -18.65 12.48
C THR A 201 -5.72 -18.44 11.20
N GLY A 202 -4.83 -17.45 11.21
CA GLY A 202 -3.93 -17.27 10.04
C GLY A 202 -4.38 -16.30 8.96
N TYR A 203 -5.43 -15.56 9.27
CA TYR A 203 -5.97 -14.55 8.36
C TYR A 203 -5.35 -13.18 8.68
N TYR A 204 -5.60 -12.21 7.81
CA TYR A 204 -5.08 -10.86 7.97
C TYR A 204 -6.12 -9.85 8.40
N PHE A 205 -5.76 -9.02 9.38
CA PHE A 205 -6.54 -7.81 9.63
C PHE A 205 -6.23 -6.72 8.62
N GLY A 206 -7.29 -6.08 8.12
CA GLY A 206 -7.15 -4.90 7.27
C GLY A 206 -8.36 -4.01 7.36
N ALA A 207 -8.26 -2.83 6.75
CA ALA A 207 -9.39 -1.92 6.61
C ALA A 207 -9.33 -1.26 5.25
N SER A 208 -10.49 -1.03 4.66
CA SER A 208 -10.53 -0.38 3.37
C SER A 208 -11.72 0.58 3.34
N ALA A 209 -11.66 1.53 2.41
CA ALA A 209 -12.83 2.40 2.13
C ALA A 209 -12.96 2.63 0.61
N GLY A 210 -14.14 3.05 0.18
CA GLY A 210 -14.32 3.31 -1.21
C GLY A 210 -15.22 4.52 -1.37
N THR A 211 -14.96 5.27 -2.44
CA THR A 211 -15.86 6.35 -2.81
C THR A 211 -16.23 6.12 -4.31
N GLY A 212 -17.40 6.62 -4.73
CA GLY A 212 -17.88 6.53 -6.11
C GLY A 212 -18.22 7.94 -6.59
N ASP A 213 -19.48 8.15 -6.98
CA ASP A 213 -19.93 9.50 -7.37
C ASP A 213 -20.03 10.34 -6.11
N LEU A 214 -20.12 9.66 -4.96
CA LEU A 214 -20.23 10.30 -3.64
C LEU A 214 -18.98 9.96 -2.85
N SER A 215 -18.59 10.88 -1.96
CA SER A 215 -17.31 10.69 -1.27
C SER A 215 -17.38 11.10 0.22
N ASP A 216 -16.28 10.87 0.93
CA ASP A 216 -16.13 11.26 2.34
C ASP A 216 -14.65 11.00 2.64
N ASN A 217 -14.12 11.66 3.65
CA ASN A 217 -12.85 11.20 4.25
C ASN A 217 -13.14 9.95 5.07
N HIS A 218 -12.38 8.88 4.85
CA HIS A 218 -12.54 7.67 5.64
C HIS A 218 -11.21 7.44 6.33
N ASP A 219 -11.13 7.81 7.61
CA ASP A 219 -9.88 7.74 8.38
C ASP A 219 -9.86 6.61 9.42
N ILE A 220 -8.72 5.94 9.50
CA ILE A 220 -8.42 5.07 10.63
C ILE A 220 -7.38 5.80 11.46
N ILE A 221 -7.69 5.99 12.74
CA ILE A 221 -6.79 6.72 13.64
C ILE A 221 -5.94 5.70 14.41
N SER A 222 -6.61 4.66 14.94
CA SER A 222 -5.88 3.58 15.60
C SER A 222 -6.65 2.27 15.50
N MET A 223 -5.92 1.17 15.54
CA MET A 223 -6.53 -0.15 15.63
C MET A 223 -5.75 -0.91 16.69
N LYS A 224 -6.45 -1.37 17.71
CA LYS A 224 -5.81 -2.02 18.86
C LYS A 224 -6.40 -3.40 19.01
N LEU A 225 -5.55 -4.41 18.85
CA LEU A 225 -5.97 -5.80 18.90
C LEU A 225 -5.54 -6.44 20.23
N PHE A 226 -6.52 -6.97 20.95
CA PHE A 226 -6.28 -7.60 22.25
C PHE A 226 -6.50 -9.09 22.21
N GLN A 227 -5.53 -9.83 22.77
CA GLN A 227 -5.68 -11.26 22.95
C GLN A 227 -6.57 -11.52 24.16
N LEU A 228 -7.61 -12.30 23.96
CA LEU A 228 -8.47 -12.70 25.05
C LEU A 228 -7.92 -13.98 25.68
N MET A 229 -7.88 -14.01 26.99
CA MET A 229 -7.39 -15.20 27.69
C MET A 229 -8.61 -16.11 27.90
N VAL A 230 -8.81 -17.02 26.96
CA VAL A 230 -9.97 -17.91 26.95
C VAL A 230 -9.48 -19.34 26.88
N GLU A 231 -10.02 -20.19 27.75
CA GLU A 231 -9.61 -21.58 27.83
C GLU A 231 -10.08 -22.39 26.63
N HIS A 232 -9.20 -23.26 26.15
CA HIS A 232 -9.57 -24.32 25.21
C HIS A 232 -9.14 -25.68 25.72
N THR A 233 -10.01 -26.66 25.53
CA THR A 233 -9.79 -28.02 26.03
C THR A 233 -10.07 -29.04 24.94
N ILE A 239 -7.02 -29.86 16.99
CA ILE A 239 -7.48 -29.58 15.63
C ILE A 239 -6.58 -28.53 14.96
N ASP A 240 -6.52 -28.54 13.63
CA ASP A 240 -5.76 -27.51 12.90
C ASP A 240 -6.65 -26.30 12.60
N TRP A 241 -6.49 -25.26 13.41
CA TRP A 241 -7.33 -24.08 13.36
C TRP A 241 -7.10 -23.26 12.08
N THR A 242 -5.96 -23.46 11.42
CA THR A 242 -5.67 -22.68 10.22
C THR A 242 -6.46 -23.23 9.02
N LYS A 243 -7.06 -24.41 9.19
CA LYS A 243 -7.75 -25.08 8.10
C LYS A 243 -9.27 -25.01 8.21
N ILE A 244 -9.79 -24.30 9.22
CA ILE A 244 -11.23 -24.12 9.40
C ILE A 244 -11.76 -23.33 8.21
N GLU A 245 -12.81 -23.83 7.56
CA GLU A 245 -13.44 -23.10 6.45
C GLU A 245 -14.36 -22.03 7.03
N PRO A 246 -14.24 -20.77 6.55
CA PRO A 246 -15.18 -19.75 7.06
C PRO A 246 -16.60 -20.18 6.77
N SER A 247 -17.43 -20.16 7.81
CA SER A 247 -18.83 -20.58 7.70
C SER A 247 -19.64 -20.12 8.90
N VAL A 248 -20.96 -20.30 8.81
CA VAL A 248 -21.82 -19.98 9.93
C VAL A 248 -22.76 -21.16 10.17
N ASN A 249 -22.86 -21.60 11.42
CA ASN A 249 -23.83 -22.61 11.84
C ASN A 249 -25.04 -21.88 12.41
N PHE A 250 -26.25 -22.38 12.14
CA PHE A 250 -27.48 -21.68 12.53
C PHE A 250 -28.34 -22.46 13.52
N LEU A 251 -28.75 -21.80 14.61
CA LEU A 251 -29.73 -22.39 15.53
C LEU A 251 -31.00 -22.69 14.75
N LYS A 252 -31.58 -23.88 14.96
CA LYS A 252 -32.79 -24.25 14.25
C LYS A 252 -34.03 -23.57 14.83
N SER A 253 -35.03 -23.42 13.97
CA SER A 253 -36.36 -22.91 14.33
C SER A 253 -36.94 -23.60 15.57
N SER B 3 16.00 -12.79 -23.08
CA SER B 3 14.69 -13.43 -23.41
C SER B 3 14.40 -14.59 -22.44
N GLU B 4 15.38 -15.48 -22.28
CA GLU B 4 15.20 -16.70 -21.48
C GLU B 4 15.45 -16.55 -19.97
N HIS B 5 16.15 -15.49 -19.56
CA HIS B 5 16.48 -15.29 -18.13
C HIS B 5 15.61 -14.25 -17.42
N LEU B 6 14.58 -13.78 -18.12
CA LEU B 6 13.60 -12.86 -17.56
C LEU B 6 12.80 -13.56 -16.47
N LYS B 7 12.79 -12.95 -15.29
CA LYS B 7 11.96 -13.43 -14.18
C LYS B 7 10.63 -12.66 -14.17
N ARG B 8 9.60 -13.30 -14.69
CA ARG B 8 8.30 -12.64 -14.90
C ARG B 8 7.64 -12.19 -13.59
N GLU B 9 7.88 -12.93 -12.50
CA GLU B 9 7.32 -12.62 -11.18
C GLU B 9 7.87 -11.33 -10.57
N HIS B 10 8.99 -10.85 -11.12
CA HIS B 10 9.65 -9.62 -10.66
C HIS B 10 9.64 -8.58 -11.79
N SER B 11 8.79 -8.79 -12.78
CA SER B 11 8.71 -7.88 -13.90
C SER B 11 7.30 -7.28 -13.98
N LEU B 12 7.23 -6.04 -14.46
CA LEU B 12 5.95 -5.35 -14.66
C LEU B 12 5.84 -5.11 -16.15
N ILE B 13 4.89 -5.78 -16.78
CA ILE B 13 4.82 -5.78 -18.24
C ILE B 13 3.36 -5.59 -18.65
N LYS B 14 3.11 -4.73 -19.64
CA LYS B 14 1.72 -4.42 -20.01
C LYS B 14 1.02 -5.70 -20.45
N PRO B 15 -0.30 -5.80 -20.17
CA PRO B 15 -1.17 -4.78 -19.59
C PRO B 15 -1.26 -4.79 -18.05
N TYR B 16 -0.22 -5.27 -17.38
CA TYR B 16 -0.08 -5.17 -15.92
C TYR B 16 -1.16 -5.96 -15.17
N GLN B 17 -1.45 -7.15 -15.67
CA GLN B 17 -2.46 -8.03 -15.08
C GLN B 17 -1.83 -9.30 -14.51
N GLY B 18 -0.49 -9.34 -14.50
CA GLY B 18 0.28 -10.47 -13.98
C GLY B 18 -0.10 -10.85 -12.56
N VAL B 19 -0.33 -12.14 -12.35
CA VAL B 19 -0.55 -12.67 -11.02
C VAL B 19 0.48 -13.74 -10.70
N GLY B 20 0.67 -14.01 -9.41
CA GLY B 20 1.58 -15.06 -8.96
C GLY B 20 0.93 -16.43 -8.96
N SER B 21 1.67 -17.39 -8.45
CA SER B 21 1.22 -18.78 -8.34
C SER B 21 -0.07 -18.95 -7.52
N SER B 22 -0.24 -18.12 -6.48
CA SER B 22 -1.48 -18.09 -5.69
C SER B 22 -2.54 -17.12 -6.22
N SER B 23 -2.36 -16.68 -7.47
CA SER B 23 -3.35 -15.86 -8.19
C SER B 23 -3.53 -14.46 -7.60
N MET B 24 -2.54 -14.00 -6.84
CA MET B 24 -2.53 -12.63 -6.30
C MET B 24 -1.70 -11.72 -7.23
N PRO B 25 -2.11 -10.45 -7.39
CA PRO B 25 -1.35 -9.57 -8.28
C PRO B 25 0.16 -9.58 -8.00
N LEU B 26 0.96 -9.54 -9.08
CA LEU B 26 2.41 -9.50 -8.94
C LEU B 26 2.91 -8.14 -8.42
N TRP B 27 2.08 -7.11 -8.57
CA TRP B 27 2.42 -5.76 -8.13
C TRP B 27 1.22 -5.14 -7.42
N ASP B 28 1.53 -4.44 -6.33
CA ASP B 28 0.57 -3.65 -5.56
C ASP B 28 0.88 -2.17 -5.73
N PHE B 29 -0.16 -1.36 -5.82
CA PHE B 29 0.04 0.06 -6.04
C PHE B 29 -0.61 0.93 -4.94
N GLN B 30 -0.14 2.18 -4.86
CA GLN B 30 -0.55 3.09 -3.80
C GLN B 30 -0.39 4.54 -4.27
N GLY B 31 -1.16 5.46 -3.68
CA GLY B 31 -1.10 6.88 -4.00
C GLY B 31 -1.94 7.19 -5.23
N SER B 32 -1.43 8.07 -6.10
CA SER B 32 -2.10 8.38 -7.38
C SER B 32 -2.01 7.31 -8.45
N THR B 33 -1.16 6.31 -8.22
CA THR B 33 -0.88 5.33 -9.28
C THR B 33 -2.13 4.71 -9.93
N ILE B 34 -2.15 4.71 -11.27
CA ILE B 34 -3.18 3.99 -12.04
C ILE B 34 -2.52 3.11 -13.10
N LEU B 35 -3.10 1.94 -13.33
CA LEU B 35 -2.69 1.06 -14.42
C LEU B 35 -3.56 1.37 -15.62
N THR B 36 -2.92 1.68 -16.74
CA THR B 36 -3.60 1.86 -18.02
C THR B 36 -3.10 0.79 -19.01
N SER B 37 -3.75 0.69 -20.16
CA SER B 37 -3.34 -0.30 -21.15
C SER B 37 -1.89 -0.15 -21.59
N GLN B 38 -1.40 1.09 -21.67
CA GLN B 38 -0.09 1.39 -22.26
C GLN B 38 1.02 1.78 -21.26
N TYR B 39 0.66 2.05 -20.01
CA TYR B 39 1.64 2.49 -18.99
C TYR B 39 1.02 2.44 -17.59
N VAL B 40 1.90 2.33 -16.60
CA VAL B 40 1.52 2.58 -15.22
C VAL B 40 1.84 4.04 -14.94
N ARG B 41 0.83 4.87 -14.65
CA ARG B 41 1.09 6.27 -14.34
C ARG B 41 1.20 6.48 -12.82
N LEU B 42 2.44 6.64 -12.32
CA LEU B 42 2.62 6.96 -10.90
C LEU B 42 2.02 8.30 -10.43
N THR B 43 2.27 9.37 -11.18
CA THR B 43 1.56 10.65 -10.96
C THR B 43 1.14 11.20 -12.31
N PRO B 44 -0.03 11.88 -12.34
CA PRO B 44 -0.42 12.71 -13.47
C PRO B 44 0.38 14.02 -13.39
N ASP B 45 0.19 14.88 -14.39
CA ASP B 45 0.88 16.16 -14.48
C ASP B 45 0.08 17.16 -13.65
N GLU B 46 -0.05 16.85 -12.37
CA GLU B 46 -0.76 17.69 -11.41
C GLU B 46 0.07 17.89 -10.15
N ARG B 47 -0.17 19.00 -9.46
CA ARG B 47 0.55 19.36 -8.22
C ARG B 47 0.21 18.44 -7.06
N SER B 48 1.18 18.27 -6.16
CA SER B 48 0.99 17.64 -4.84
C SER B 48 0.48 16.21 -4.90
N LYS B 49 1.12 15.40 -5.72
CA LYS B 49 0.77 14.00 -5.91
C LYS B 49 1.91 13.09 -5.50
N GLU B 50 1.60 11.86 -5.10
CA GLU B 50 2.61 10.84 -4.91
C GLU B 50 2.02 9.56 -5.46
N GLY B 51 2.85 8.66 -5.97
CA GLY B 51 2.35 7.36 -6.42
C GLY B 51 3.46 6.34 -6.34
N SER B 52 3.12 5.12 -5.95
CA SER B 52 4.11 4.05 -5.89
C SER B 52 3.55 2.76 -6.47
N ILE B 53 4.45 1.87 -6.86
CA ILE B 53 4.08 0.50 -7.25
C ILE B 53 5.20 -0.43 -6.75
N TRP B 54 4.79 -1.54 -6.12
CA TRP B 54 5.72 -2.43 -5.42
C TRP B 54 5.49 -3.87 -5.83
N ASN B 55 6.58 -4.59 -6.08
CA ASN B 55 6.53 -6.00 -6.44
C ASN B 55 6.04 -6.79 -5.23
N HIS B 56 5.03 -7.64 -5.42
CA HIS B 56 4.36 -8.31 -4.31
C HIS B 56 5.27 -9.30 -3.59
N GLN B 57 6.16 -9.95 -4.33
CA GLN B 57 7.05 -10.94 -3.71
C GLN B 57 8.49 -10.46 -3.62
N PRO B 58 9.15 -10.72 -2.46
CA PRO B 58 10.56 -10.32 -2.35
C PRO B 58 11.40 -11.05 -3.41
N CYS B 59 12.53 -10.44 -3.75
CA CYS B 59 13.45 -11.03 -4.71
C CYS B 59 14.61 -11.68 -3.96
N PHE B 60 14.91 -12.93 -4.32
CA PHE B 60 16.00 -13.69 -3.72
C PHE B 60 17.11 -14.00 -4.73
N LEU B 61 17.15 -13.24 -5.83
CA LEU B 61 18.29 -13.35 -6.74
C LEU B 61 19.47 -12.59 -6.14
N LYS B 62 20.66 -13.16 -6.28
CA LYS B 62 21.89 -12.55 -5.77
C LYS B 62 22.53 -11.63 -6.82
N ASP B 63 22.31 -11.97 -8.09
CA ASP B 63 22.86 -11.23 -9.24
C ASP B 63 21.73 -10.99 -10.21
N TRP B 64 21.48 -9.72 -10.54
CA TRP B 64 20.31 -9.37 -11.36
C TRP B 64 20.52 -8.10 -12.15
N GLU B 65 19.73 -7.95 -13.22
CA GLU B 65 19.71 -6.73 -14.00
C GLU B 65 18.26 -6.28 -14.23
N MET B 66 17.94 -5.08 -13.76
CA MET B 66 16.59 -4.52 -13.94
C MET B 66 16.62 -3.48 -15.06
N HIS B 67 15.83 -3.71 -16.10
CA HIS B 67 15.67 -2.76 -17.21
C HIS B 67 14.35 -2.01 -17.04
N VAL B 68 14.41 -0.68 -17.02
CA VAL B 68 13.19 0.10 -16.83
C VAL B 68 12.92 0.98 -18.02
N HIS B 69 11.77 0.76 -18.66
CA HIS B 69 11.28 1.63 -19.71
C HIS B 69 10.31 2.57 -18.98
N PHE B 70 10.66 3.86 -18.97
CA PHE B 70 9.92 4.85 -18.21
C PHE B 70 9.68 6.06 -19.11
N LYS B 71 8.76 6.91 -18.71
CA LYS B 71 8.57 8.15 -19.43
C LYS B 71 8.20 9.26 -18.47
N VAL B 72 9.00 10.34 -18.49
CA VAL B 72 8.76 11.53 -17.70
C VAL B 72 8.48 12.64 -18.70
N HIS B 73 7.28 13.21 -18.64
CA HIS B 73 6.85 14.12 -19.69
C HIS B 73 5.79 15.02 -19.11
N GLY B 74 5.75 16.28 -19.54
CA GLY B 74 4.71 17.19 -19.05
C GLY B 74 4.70 18.51 -19.78
N THR B 75 3.72 19.36 -19.44
CA THR B 75 3.52 20.62 -20.16
C THR B 75 4.25 21.80 -19.48
N GLY B 76 4.94 21.55 -18.37
CA GLY B 76 5.70 22.61 -17.69
C GLY B 76 6.76 23.23 -18.59
N LYS B 77 6.88 24.55 -18.53
CA LYS B 77 7.86 25.25 -19.37
C LYS B 77 9.18 25.44 -18.61
N LYS B 78 10.28 25.41 -19.36
CA LYS B 78 11.62 25.70 -18.82
C LYS B 78 11.97 24.80 -17.61
N ASN B 79 12.34 25.37 -16.46
CA ASN B 79 12.68 24.51 -15.31
C ASN B 79 11.51 24.16 -14.42
N LEU B 80 10.32 24.64 -14.79
CA LEU B 80 9.12 24.53 -13.97
C LEU B 80 8.41 23.18 -14.07
N HIS B 81 9.10 22.14 -13.55
CA HIS B 81 8.60 20.75 -13.53
C HIS B 81 9.28 19.99 -12.39
N GLY B 82 8.66 18.89 -11.96
CA GLY B 82 9.26 18.05 -10.92
C GLY B 82 8.28 16.96 -10.51
N ASP B 83 8.68 16.10 -9.56
CA ASP B 83 9.99 16.16 -8.90
C ASP B 83 10.90 15.03 -9.31
N GLY B 84 10.30 13.96 -9.83
CA GLY B 84 11.00 12.87 -10.47
C GLY B 84 10.56 11.51 -9.97
N ILE B 85 11.36 10.49 -10.30
CA ILE B 85 11.02 9.10 -9.99
C ILE B 85 12.09 8.49 -9.09
N ALA B 86 11.69 7.58 -8.22
CA ALA B 86 12.70 6.75 -7.52
C ALA B 86 12.44 5.30 -7.84
N LEU B 87 13.53 4.55 -7.99
CA LEU B 87 13.46 3.11 -8.11
C LEU B 87 14.08 2.53 -6.85
N TRP B 88 13.47 1.44 -6.38
CA TRP B 88 13.75 0.87 -5.06
C TRP B 88 14.07 -0.62 -5.08
N TYR B 89 14.98 -1.02 -4.19
CA TYR B 89 15.15 -2.41 -3.84
C TYR B 89 15.38 -2.33 -2.33
N THR B 90 14.31 -2.54 -1.57
CA THR B 90 14.27 -2.15 -0.17
C THR B 90 13.53 -3.16 0.70
N ARG B 91 13.77 -3.06 1.99
CA ARG B 91 13.19 -3.97 2.96
C ARG B 91 11.68 -3.78 3.07
N ASP B 92 11.26 -2.53 3.00
CA ASP B 92 9.88 -2.18 3.27
C ASP B 92 9.26 -1.86 1.92
N ARG B 93 8.00 -2.27 1.73
CA ARG B 93 7.26 -1.93 0.54
C ARG B 93 5.93 -1.37 1.00
N LEU B 94 5.26 -0.67 0.09
CA LEU B 94 3.96 -0.02 0.36
C LEU B 94 3.92 0.89 1.58
N VAL B 95 5.00 1.65 1.80
CA VAL B 95 4.99 2.69 2.81
C VAL B 95 5.36 3.98 2.11
N PRO B 96 4.38 4.91 1.96
CA PRO B 96 4.67 6.16 1.28
C PRO B 96 5.43 7.14 2.17
N GLY B 97 5.82 8.26 1.59
CA GLY B 97 6.48 9.28 2.36
C GLY B 97 7.11 10.30 1.44
N PRO B 98 8.07 11.04 1.98
CA PRO B 98 8.61 12.21 1.28
C PRO B 98 9.71 11.97 0.23
N VAL B 99 10.21 10.74 0.11
CA VAL B 99 11.30 10.45 -0.84
C VAL B 99 10.72 9.99 -2.17
N PHE B 100 10.45 10.97 -3.04
CA PHE B 100 9.73 10.73 -4.32
C PHE B 100 8.51 9.84 -4.08
N GLY B 101 7.75 10.12 -3.02
CA GLY B 101 6.49 9.41 -2.73
C GLY B 101 6.63 8.20 -1.83
N SER B 102 7.87 7.85 -1.46
CA SER B 102 8.12 6.68 -0.58
C SER B 102 8.79 7.05 0.76
N LYS B 103 8.80 6.10 1.69
CA LYS B 103 9.30 6.35 3.02
C LYS B 103 10.78 6.71 3.04
N ASP B 104 11.13 7.60 3.96
CA ASP B 104 12.50 7.96 4.24
C ASP B 104 13.07 6.95 5.24
N ASN B 105 14.36 7.06 5.55
CA ASN B 105 14.97 6.17 6.54
C ASN B 105 14.84 4.71 6.11
N PHE B 106 14.93 4.49 4.80
CA PHE B 106 14.69 3.19 4.21
C PHE B 106 15.92 2.29 4.36
N HIS B 107 15.70 0.99 4.15
CA HIS B 107 16.78 0.01 4.16
C HIS B 107 16.91 -0.55 2.76
N GLY B 108 18.09 -0.34 2.15
CA GLY B 108 18.38 -0.84 0.81
C GLY B 108 18.86 0.20 -0.17
N LEU B 109 18.52 -0.01 -1.44
CA LEU B 109 19.03 0.74 -2.58
C LEU B 109 17.95 1.64 -3.13
N ALA B 110 18.32 2.88 -3.44
CA ALA B 110 17.45 3.82 -4.15
C ALA B 110 18.21 4.37 -5.34
N ILE B 111 17.55 4.43 -6.50
CA ILE B 111 18.09 5.13 -7.67
C ILE B 111 17.13 6.30 -7.89
N PHE B 112 17.63 7.53 -7.75
CA PHE B 112 16.78 8.72 -7.90
C PHE B 112 16.94 9.33 -9.29
N LEU B 113 15.81 9.60 -9.96
CA LEU B 113 15.76 10.30 -11.23
C LEU B 113 15.11 11.65 -10.95
N ASP B 114 15.96 12.63 -10.61
CA ASP B 114 15.53 13.88 -10.00
C ASP B 114 15.47 14.96 -11.08
N THR B 115 14.31 15.60 -11.25
CA THR B 115 14.14 16.51 -12.36
C THR B 115 14.08 17.99 -11.96
N TYR B 116 14.18 18.26 -10.66
CA TYR B 116 14.06 19.61 -10.15
C TYR B 116 15.19 19.93 -9.16
N PRO B 117 15.97 20.99 -9.46
CA PRO B 117 17.00 21.39 -8.48
C PRO B 117 16.43 22.14 -7.27
N ASN B 118 16.30 21.45 -6.15
CA ASN B 118 15.82 22.07 -4.94
C ASN B 118 16.92 22.92 -4.32
N ASP B 119 18.17 22.51 -4.53
CA ASP B 119 19.31 23.27 -4.07
C ASP B 119 19.56 24.42 -5.04
N GLU B 120 19.19 25.62 -4.59
CA GLU B 120 19.33 26.86 -5.35
C GLU B 120 20.79 27.11 -5.78
N THR B 121 21.74 26.68 -4.96
CA THR B 121 23.15 27.02 -5.14
C THR B 121 23.98 25.92 -5.81
N THR B 122 23.30 24.94 -6.38
CA THR B 122 23.97 23.84 -7.04
C THR B 122 24.63 24.26 -8.36
N GLU B 123 25.71 23.58 -8.74
CA GLU B 123 26.24 23.66 -10.10
C GLU B 123 25.83 22.43 -10.90
N ARG B 124 25.12 21.50 -10.26
CA ARG B 124 24.59 20.32 -10.94
C ARG B 124 23.59 20.70 -12.03
N VAL B 125 23.66 19.99 -13.14
CA VAL B 125 22.74 20.12 -14.26
C VAL B 125 21.66 19.03 -14.11
N PHE B 126 20.40 19.46 -14.16
CA PHE B 126 19.29 18.52 -14.01
C PHE B 126 18.66 18.21 -15.36
N PRO B 127 18.00 17.04 -15.51
CA PRO B 127 17.82 16.01 -14.47
C PRO B 127 19.11 15.32 -14.03
N TYR B 128 19.10 14.80 -12.82
CA TYR B 128 20.27 14.16 -12.27
C TYR B 128 19.87 12.78 -11.72
N ILE B 129 20.62 11.76 -12.13
CA ILE B 129 20.41 10.39 -11.64
C ILE B 129 21.46 10.08 -10.59
N SER B 130 21.02 9.61 -9.43
CA SER B 130 21.94 9.30 -8.33
C SER B 130 21.53 8.01 -7.62
N VAL B 131 22.48 7.42 -6.90
CA VAL B 131 22.19 6.24 -6.07
C VAL B 131 22.45 6.51 -4.59
N MET B 132 21.70 5.81 -3.75
CA MET B 132 21.80 5.94 -2.32
C MET B 132 21.64 4.55 -1.69
N VAL B 133 22.51 4.23 -0.73
CA VAL B 133 22.42 2.97 0.00
C VAL B 133 22.26 3.28 1.48
N ASN B 134 21.23 2.71 2.09
CA ASN B 134 20.76 3.13 3.40
C ASN B 134 20.53 1.90 4.25
N ASN B 135 21.04 1.92 5.48
CA ASN B 135 20.76 0.87 6.45
C ASN B 135 19.73 1.37 7.46
N GLY B 136 18.98 2.40 7.05
CA GLY B 136 17.97 3.01 7.91
C GLY B 136 18.47 4.27 8.59
N SER B 137 19.79 4.41 8.73
CA SER B 137 20.36 5.52 9.50
C SER B 137 20.38 6.86 8.77
N LEU B 138 20.27 6.82 7.44
CA LEU B 138 20.35 8.04 6.62
C LEU B 138 18.95 8.58 6.28
N SER B 139 18.87 9.89 6.21
CA SER B 139 17.66 10.56 5.75
C SER B 139 17.96 11.29 4.45
N TYR B 140 17.09 11.09 3.46
CA TYR B 140 17.15 11.83 2.21
C TYR B 140 16.75 13.30 2.42
N ASP B 141 17.69 14.22 2.16
CA ASP B 141 17.39 15.64 2.29
C ASP B 141 16.85 16.18 0.96
N HIS B 142 15.52 16.25 0.87
CA HIS B 142 14.87 16.67 -0.37
C HIS B 142 15.29 18.07 -0.80
N SER B 143 15.34 19.00 0.16
CA SER B 143 15.70 20.39 -0.12
C SER B 143 17.11 20.55 -0.70
N LYS B 144 17.97 19.55 -0.55
CA LYS B 144 19.33 19.61 -1.10
C LYS B 144 19.58 18.57 -2.19
N ASP B 145 18.49 18.00 -2.72
CA ASP B 145 18.57 16.97 -3.75
C ASP B 145 19.41 15.76 -3.32
N GLY B 146 19.40 15.49 -2.01
CA GLY B 146 20.13 14.37 -1.41
C GLY B 146 21.63 14.37 -1.66
N ARG B 147 22.20 15.54 -1.87
CA ARG B 147 23.61 15.71 -2.21
C ARG B 147 24.58 14.98 -1.25
N TRP B 148 24.31 15.05 0.05
CA TRP B 148 25.26 14.55 1.06
C TRP B 148 25.08 13.08 1.46
N THR B 149 24.08 12.43 0.86
CA THR B 149 23.82 11.01 1.10
C THR B 149 24.04 10.17 -0.15
N GLU B 150 24.21 10.83 -1.30
CA GLU B 150 24.39 10.10 -2.53
C GLU B 150 25.79 9.48 -2.64
N LEU B 151 25.90 8.38 -3.37
CA LEU B 151 27.19 7.74 -3.58
C LEU B 151 27.82 8.16 -4.89
N ALA B 152 26.99 8.26 -5.93
CA ALA B 152 27.44 8.58 -7.29
C ALA B 152 26.22 9.03 -8.08
N GLY B 153 26.46 9.71 -9.19
CA GLY B 153 25.38 10.19 -10.05
C GLY B 153 25.89 10.67 -11.39
N CYS B 154 24.95 11.09 -12.23
CA CYS B 154 25.25 11.68 -13.52
C CYS B 154 24.09 12.59 -13.94
N THR B 155 24.38 13.57 -14.80
CA THR B 155 23.31 14.31 -15.45
C THR B 155 22.74 13.43 -16.57
N ALA B 156 21.43 13.50 -16.79
CA ALA B 156 20.78 12.67 -17.81
C ALA B 156 19.56 13.38 -18.37
N ASP B 157 19.49 13.42 -19.69
CA ASP B 157 18.49 14.20 -20.40
C ASP B 157 17.36 13.28 -20.82
N PHE B 158 16.45 13.01 -19.88
CA PHE B 158 15.43 11.99 -20.11
C PHE B 158 13.99 12.51 -20.24
N ARG B 159 13.77 13.80 -19.99
CA ARG B 159 12.42 14.38 -20.03
C ARG B 159 11.98 14.72 -21.43
N ASN B 160 10.69 14.53 -21.71
CA ASN B 160 10.08 15.00 -22.95
C ASN B 160 10.84 14.57 -24.24
N ARG B 161 11.24 13.30 -24.31
CA ARG B 161 11.96 12.81 -25.47
C ARG B 161 11.01 12.21 -26.50
N ASP B 162 11.33 12.38 -27.78
CA ASP B 162 10.49 11.96 -28.93
C ASP B 162 10.48 10.46 -29.20
N HIS B 163 11.06 9.68 -28.30
CA HIS B 163 11.24 8.25 -28.46
C HIS B 163 11.40 7.63 -27.07
N ASP B 164 11.39 6.30 -27.00
CA ASP B 164 11.49 5.59 -25.74
C ASP B 164 12.78 5.87 -24.97
N THR B 165 12.66 5.95 -23.65
CA THR B 165 13.77 6.17 -22.75
C THR B 165 13.86 5.04 -21.74
N PHE B 166 15.08 4.52 -21.55
CA PHE B 166 15.30 3.37 -20.70
C PHE B 166 16.44 3.61 -19.70
N LEU B 167 16.42 2.83 -18.63
CA LEU B 167 17.45 2.81 -17.63
C LEU B 167 17.73 1.35 -17.29
N ALA B 168 18.98 1.04 -16.97
CA ALA B 168 19.32 -0.30 -16.52
C ALA B 168 20.05 -0.23 -15.20
N VAL B 169 19.73 -1.14 -14.30
CA VAL B 169 20.41 -1.21 -13.02
C VAL B 169 20.92 -2.63 -12.92
N ARG B 170 22.24 -2.76 -12.82
CA ARG B 170 22.87 -4.08 -12.69
C ARG B 170 23.48 -4.21 -11.31
N TYR B 171 23.28 -5.37 -10.67
CA TYR B 171 23.89 -5.65 -9.38
C TYR B 171 24.40 -7.10 -9.29
N SER B 172 25.70 -7.23 -9.09
CA SER B 172 26.35 -8.54 -9.02
C SER B 172 27.70 -8.43 -8.32
N ARG B 173 27.95 -9.34 -7.38
CA ARG B 173 29.24 -9.40 -6.70
C ARG B 173 29.71 -8.03 -6.23
N GLY B 174 28.78 -7.26 -5.65
CA GLY B 174 29.09 -5.98 -5.04
C GLY B 174 29.23 -4.81 -6.00
N ARG B 175 29.09 -5.07 -7.29
CA ARG B 175 29.16 -4.04 -8.30
C ARG B 175 27.76 -3.53 -8.68
N LEU B 176 27.54 -2.24 -8.49
CA LEU B 176 26.28 -1.57 -8.87
C LEU B 176 26.52 -0.63 -10.04
N THR B 177 25.87 -0.91 -11.16
CA THR B 177 26.00 -0.12 -12.38
C THR B 177 24.63 0.42 -12.82
N VAL B 178 24.57 1.73 -13.10
CA VAL B 178 23.38 2.31 -13.72
C VAL B 178 23.77 2.90 -15.07
N MET B 179 23.07 2.50 -16.14
CA MET B 179 23.26 3.04 -17.48
C MET B 179 21.94 3.55 -18.07
N THR B 180 22.05 4.45 -19.04
CA THR B 180 20.86 5.01 -19.68
C THR B 180 20.79 4.73 -21.17
N ASP B 181 19.57 4.77 -21.70
CA ASP B 181 19.36 4.68 -23.14
C ASP B 181 18.26 5.70 -23.46
N LEU B 182 18.71 6.88 -23.88
CA LEU B 182 17.86 8.07 -23.95
C LEU B 182 17.89 8.76 -25.32
N GLU B 183 18.77 8.29 -26.22
CA GLU B 183 19.02 8.97 -27.51
C GLU B 183 18.51 8.25 -28.75
N ASP B 184 17.72 7.18 -28.55
CA ASP B 184 17.14 6.39 -29.64
C ASP B 184 18.24 5.69 -30.46
N LYS B 185 19.33 5.35 -29.79
CA LYS B 185 20.48 4.72 -30.45
C LYS B 185 20.67 3.25 -30.08
N ASN B 186 19.64 2.65 -29.46
CA ASN B 186 19.67 1.25 -29.02
C ASN B 186 21.01 0.88 -28.38
N GLU B 187 21.48 1.73 -27.46
CA GLU B 187 22.74 1.50 -26.75
C GLU B 187 22.76 2.12 -25.35
N TRP B 188 23.59 1.57 -24.48
CA TRP B 188 23.70 2.04 -23.12
C TRP B 188 24.81 3.06 -22.93
N LYS B 189 24.49 4.12 -22.21
CA LYS B 189 25.44 5.17 -21.88
C LYS B 189 25.80 5.07 -20.40
N ASN B 190 27.10 5.17 -20.10
CA ASN B 190 27.60 5.26 -18.73
C ASN B 190 26.83 6.26 -17.87
N CYS B 191 26.62 5.92 -16.59
CA CYS B 191 26.11 6.87 -15.61
C CYS B 191 26.73 6.65 -14.22
N ILE B 192 26.55 5.45 -13.68
CA ILE B 192 27.04 5.10 -12.35
C ILE B 192 27.70 3.74 -12.44
N ASP B 193 28.86 3.60 -11.77
CA ASP B 193 29.50 2.29 -11.68
C ASP B 193 30.41 2.24 -10.46
N ILE B 194 29.92 1.56 -9.43
CA ILE B 194 30.60 1.52 -8.14
C ILE B 194 30.74 0.09 -7.61
N THR B 195 31.85 -0.19 -6.96
CA THR B 195 32.09 -1.50 -6.37
C THR B 195 31.93 -1.44 -4.85
N GLY B 196 31.95 -2.61 -4.19
CA GLY B 196 31.85 -2.68 -2.74
C GLY B 196 30.47 -2.34 -2.18
N VAL B 197 29.43 -2.60 -2.97
CA VAL B 197 28.05 -2.39 -2.50
C VAL B 197 27.49 -3.69 -1.94
N ARG B 198 27.08 -3.67 -0.67
CA ARG B 198 26.49 -4.85 -0.05
C ARG B 198 24.97 -4.71 0.14
N LEU B 199 24.22 -5.63 -0.48
CA LEU B 199 22.75 -5.65 -0.44
C LEU B 199 22.27 -7.07 -0.12
N PRO B 200 21.30 -7.20 0.82
CA PRO B 200 20.73 -8.53 1.08
C PRO B 200 19.80 -9.04 -0.04
N THR B 201 19.55 -10.35 -0.03
CA THR B 201 18.43 -10.93 -0.75
C THR B 201 17.16 -10.70 0.07
N GLY B 202 16.00 -10.94 -0.54
CA GLY B 202 14.72 -10.84 0.15
C GLY B 202 14.14 -9.45 0.24
N TYR B 203 14.68 -8.51 -0.53
CA TYR B 203 14.12 -7.14 -0.55
C TYR B 203 13.09 -7.04 -1.68
N TYR B 204 12.36 -5.91 -1.74
CA TYR B 204 11.31 -5.72 -2.76
C TYR B 204 11.72 -4.68 -3.80
N PHE B 205 11.47 -4.95 -5.08
CA PHE B 205 11.61 -3.94 -6.13
C PHE B 205 10.36 -3.07 -6.14
N GLY B 206 10.55 -1.75 -6.33
CA GLY B 206 9.42 -0.83 -6.42
C GLY B 206 9.81 0.38 -7.25
N ALA B 207 8.80 1.20 -7.56
CA ALA B 207 9.00 2.47 -8.24
C ALA B 207 8.02 3.46 -7.62
N SER B 208 8.44 4.71 -7.52
CA SER B 208 7.60 5.76 -6.99
C SER B 208 7.91 7.10 -7.63
N ALA B 209 6.98 8.04 -7.53
CA ALA B 209 7.21 9.38 -8.05
C ALA B 209 6.47 10.39 -7.21
N GLY B 210 6.89 11.65 -7.30
CA GLY B 210 6.26 12.70 -6.53
C GLY B 210 6.22 13.98 -7.32
N THR B 211 5.19 14.79 -7.03
CA THR B 211 5.11 16.16 -7.54
C THR B 211 4.80 17.07 -6.35
N GLY B 212 5.19 18.34 -6.47
CA GLY B 212 4.90 19.30 -5.40
C GLY B 212 4.18 20.48 -6.03
N ASP B 213 4.83 21.65 -5.96
CA ASP B 213 4.32 22.83 -6.64
C ASP B 213 4.57 22.73 -8.16
N LEU B 214 5.53 21.88 -8.55
CA LEU B 214 5.81 21.59 -9.95
C LEU B 214 5.48 20.11 -10.19
N SER B 215 5.18 19.75 -11.43
CA SER B 215 4.70 18.39 -11.73
C SER B 215 5.21 17.87 -13.06
N ASP B 216 4.82 16.65 -13.38
CA ASP B 216 5.11 15.94 -14.62
C ASP B 216 4.31 14.66 -14.53
N ASN B 217 3.98 14.08 -15.67
CA ASN B 217 3.56 12.69 -15.72
C ASN B 217 4.79 11.84 -15.44
N HIS B 218 4.69 10.92 -14.49
CA HIS B 218 5.80 9.97 -14.25
C HIS B 218 5.25 8.58 -14.50
N ASP B 219 5.61 8.03 -15.66
CA ASP B 219 5.09 6.74 -16.14
C ASP B 219 6.13 5.64 -16.11
N ILE B 220 5.71 4.44 -15.73
CA ILE B 220 6.55 3.22 -15.91
C ILE B 220 5.86 2.35 -16.96
N ILE B 221 6.51 2.18 -18.11
CA ILE B 221 5.96 1.31 -19.15
C ILE B 221 6.28 -0.16 -18.84
N SER B 222 7.50 -0.42 -18.39
CA SER B 222 7.85 -1.78 -18.01
C SER B 222 9.06 -1.78 -17.13
N MET B 223 9.12 -2.83 -16.31
CA MET B 223 10.27 -3.17 -15.52
C MET B 223 10.54 -4.64 -15.80
N LYS B 224 11.71 -4.94 -16.34
CA LYS B 224 12.01 -6.31 -16.66
C LYS B 224 13.24 -6.73 -15.90
N LEU B 225 13.08 -7.74 -15.04
CA LEU B 225 14.14 -8.19 -14.16
C LEU B 225 14.72 -9.46 -14.73
N PHE B 226 16.05 -9.45 -14.91
CA PHE B 226 16.76 -10.56 -15.51
C PHE B 226 17.67 -11.20 -14.51
N GLN B 227 17.63 -12.53 -14.43
CA GLN B 227 18.59 -13.26 -13.63
C GLN B 227 19.92 -13.33 -14.38
N LEU B 228 21.00 -13.05 -13.65
CA LEU B 228 22.35 -13.13 -14.21
C LEU B 228 23.00 -14.44 -13.78
N MET B 229 23.60 -15.14 -14.74
CA MET B 229 24.29 -16.39 -14.42
C MET B 229 25.71 -16.04 -14.00
N VAL B 230 25.90 -15.94 -12.68
CA VAL B 230 27.14 -15.45 -12.08
C VAL B 230 27.56 -16.40 -10.94
N GLU B 231 28.79 -16.89 -11.02
CA GLU B 231 29.34 -17.88 -10.08
C GLU B 231 29.62 -17.30 -8.71
N HIS B 232 29.47 -18.14 -7.68
CA HIS B 232 29.77 -17.76 -6.30
C HIS B 232 30.60 -18.82 -5.56
N ILE B 239 27.01 -18.08 4.29
CA ILE B 239 26.38 -16.92 4.94
C ILE B 239 24.89 -16.80 4.60
N ASP B 240 24.16 -16.12 5.49
CA ASP B 240 22.77 -15.82 5.23
C ASP B 240 22.69 -14.48 4.49
N TRP B 241 22.54 -14.57 3.17
CA TRP B 241 22.43 -13.40 2.29
C TRP B 241 21.23 -12.51 2.63
N THR B 242 20.20 -13.09 3.24
CA THR B 242 19.01 -12.34 3.65
C THR B 242 19.29 -11.40 4.82
N LYS B 243 20.45 -11.58 5.47
CA LYS B 243 20.81 -10.82 6.67
C LYS B 243 21.98 -9.83 6.47
N ILE B 244 22.46 -9.71 5.24
CA ILE B 244 23.46 -8.71 4.86
C ILE B 244 22.89 -7.31 5.15
N GLU B 245 23.68 -6.50 5.87
CA GLU B 245 23.32 -5.11 6.14
C GLU B 245 23.66 -4.26 4.91
N PRO B 246 22.66 -3.51 4.37
CA PRO B 246 22.99 -2.64 3.25
C PRO B 246 24.15 -1.70 3.60
N SER B 247 25.19 -1.73 2.80
CA SER B 247 26.39 -0.93 3.08
C SER B 247 27.20 -0.70 1.82
N VAL B 248 28.12 0.25 1.90
CA VAL B 248 29.14 0.47 0.88
C VAL B 248 30.50 0.49 1.56
N ASN B 249 31.44 -0.29 1.04
CA ASN B 249 32.82 -0.20 1.49
C ASN B 249 33.40 1.05 0.84
N PHE B 250 33.62 2.07 1.67
CA PHE B 250 33.92 3.43 1.23
C PHE B 250 35.39 3.83 1.43
N LEU B 251 36.18 2.89 1.95
CA LEU B 251 37.61 3.11 2.11
C LEU B 251 38.35 2.88 0.79
N LYS B 252 39.63 3.24 0.76
CA LYS B 252 40.51 2.97 -0.38
C LYS B 252 41.07 1.55 -0.35
C1 MAN C . -21.72 5.60 -8.09
C2 MAN C . -21.22 4.16 -8.01
C3 MAN C . -21.84 3.45 -6.80
C4 MAN C . -21.58 4.26 -5.51
C5 MAN C . -22.14 5.67 -5.70
C6 MAN C . -21.94 6.58 -4.47
O1 MAN C . -23.08 5.64 -8.48
O2 MAN C . -19.80 4.14 -7.99
O3 MAN C . -21.33 2.14 -6.68
O4 MAN C . -22.17 3.63 -4.40
O5 MAN C . -21.51 6.26 -6.84
O6 MAN C . -20.57 6.90 -4.32
CA CA D . -24.21 1.18 0.34
CL CL E . 1.67 1.26 14.14
CL CL F . -21.91 15.19 17.33
CL CL G . -22.82 4.09 20.58
CL CL H . -25.85 1.42 -7.07
CL CL I . -6.93 14.76 2.00
CL CL J . -25.33 -9.39 -0.90
CL CL K . -25.02 10.49 8.02
C1 MAN L . 7.37 22.68 -3.45
C2 MAN L . 7.76 21.57 -2.49
C3 MAN L . 9.09 20.90 -2.87
C4 MAN L . 9.12 20.52 -4.36
C5 MAN L . 8.70 21.71 -5.23
C6 MAN L . 8.58 21.38 -6.73
O1 MAN L . 8.16 23.85 -3.23
O2 MAN L . 6.69 20.64 -2.47
O3 MAN L . 9.26 19.74 -2.07
O4 MAN L . 10.38 20.02 -4.77
O5 MAN L . 7.45 22.23 -4.79
O6 MAN L . 7.61 20.37 -6.92
CA CA M . 15.13 17.73 -6.40
CL CL N . 2.49 -7.35 -14.48
CL CL O . 13.97 14.04 -28.46
CL CL P . 0.43 -14.94 -5.70
CL CL Q . 14.51 18.80 -18.70
CL CL R . 12.85 22.77 -1.19
CL CL S . 21.63 7.79 -23.12
#